data_5HPN
#
_entry.id   5HPN
#
_cell.length_a   144.500
_cell.length_b   144.500
_cell.length_c   144.500
_cell.angle_alpha   90.00
_cell.angle_beta   90.00
_cell.angle_gamma   90.00
#
_symmetry.space_group_name_H-M   'P 42 3 2'
#
loop_
_entity.id
_entity.type
_entity.pdbx_description
1 polymer 'Permuted PduA'
2 non-polymer 'SULFATE ION'
3 water water
#
_entity_poly.entity_id   1
_entity_poly.type   'polypeptide(L)'
_entity_poly.pdbx_seq_one_letter_code
;GKAVHVIPRPHTDVEKILGGSGGSEALGMVETKGLTAAIEAADAMVASANVMLVGYEKIGSGLVTVIVRGDVGAVKAATD
AGAAAARNVG
;
_entity_poly.pdbx_strand_id   A,B,C,D,E
#
loop_
_chem_comp.id
_chem_comp.type
_chem_comp.name
_chem_comp.formula
SO4 non-polymer 'SULFATE ION' 'O4 S -2'
#
# COMPACT_ATOMS: atom_id res chain seq x y z
N ALA A 3 7.77 -13.96 12.44
CA ALA A 3 6.92 -14.22 13.60
C ALA A 3 5.71 -15.08 13.22
N VAL A 4 5.53 -16.17 13.96
CA VAL A 4 4.33 -16.97 13.93
C VAL A 4 3.61 -16.74 15.27
N HIS A 5 2.30 -16.45 15.24
CA HIS A 5 1.61 -15.98 16.45
C HIS A 5 0.13 -16.32 16.50
N VAL A 6 -0.33 -16.63 17.71
CA VAL A 6 -1.75 -16.84 17.99
C VAL A 6 -2.23 -15.88 19.10
N ILE A 7 -3.20 -15.03 18.78
CA ILE A 7 -3.79 -14.19 19.81
C ILE A 7 -5.13 -14.81 20.23
N PRO A 8 -5.26 -15.14 21.49
CA PRO A 8 -6.48 -15.78 21.96
C PRO A 8 -7.47 -14.72 22.35
N ARG A 9 -8.72 -14.98 22.08
CA ARG A 9 -9.82 -14.02 22.35
C ARG A 9 -9.74 -12.53 21.92
N PRO A 10 -9.48 -12.25 20.64
CA PRO A 10 -9.34 -10.88 20.15
C PRO A 10 -10.64 -10.12 20.36
N HIS A 11 -10.52 -8.89 20.83
CA HIS A 11 -11.69 -8.04 20.88
C HIS A 11 -12.25 -7.90 19.48
N THR A 12 -13.56 -7.77 19.37
CA THR A 12 -14.22 -7.77 18.06
C THR A 12 -13.73 -6.58 17.23
N ASP A 13 -13.56 -5.43 17.88
CA ASP A 13 -13.01 -4.26 17.21
C ASP A 13 -11.68 -4.63 16.52
N VAL A 14 -10.82 -5.36 17.22
CA VAL A 14 -9.54 -5.80 16.67
C VAL A 14 -9.68 -6.71 15.46
N GLU A 15 -10.58 -7.68 15.56
CA GLU A 15 -10.76 -8.64 14.45
C GLU A 15 -11.54 -8.06 13.27
N LYS A 16 -12.47 -7.15 13.57
CA LYS A 16 -13.28 -6.51 12.55
C LYS A 16 -12.46 -5.66 11.57
N ILE A 17 -11.47 -4.93 12.08
CA ILE A 17 -10.63 -4.09 11.24
C ILE A 17 -9.86 -4.94 10.25
N LEU A 18 -9.30 -6.03 10.75
CA LEU A 18 -8.58 -6.98 9.91
C LEU A 18 -9.64 -7.55 8.99
N GLY A 19 -10.81 -7.78 9.57
CA GLY A 19 -11.98 -8.29 8.88
C GLY A 19 -12.21 -9.78 9.02
N GLY A 20 -13.47 -10.21 8.92
CA GLY A 20 -14.61 -9.31 8.75
C GLY A 20 -15.74 -9.51 9.75
N SER A 21 -16.14 -8.43 10.42
CA SER A 21 -17.27 -8.54 11.36
C SER A 21 -17.37 -9.84 12.16
N GLY A 22 -16.26 -10.30 12.76
CA GLY A 22 -16.32 -11.55 13.50
C GLY A 22 -15.71 -11.69 14.88
N GLY A 23 -16.25 -12.65 15.63
CA GLY A 23 -15.81 -13.01 16.97
C GLY A 23 -15.12 -14.32 16.67
N SER A 24 -14.00 -14.63 17.33
CA SER A 24 -13.33 -15.85 16.95
C SER A 24 -12.69 -16.18 18.26
N GLU A 25 -12.58 -17.45 18.55
CA GLU A 25 -11.86 -17.91 19.71
C GLU A 25 -10.38 -17.54 19.59
N ALA A 26 -9.89 -17.40 18.36
CA ALA A 26 -8.50 -17.02 18.13
C ALA A 26 -8.19 -16.52 16.70
N LEU A 27 -7.11 -15.74 16.59
CA LEU A 27 -6.51 -15.35 15.31
C LEU A 27 -5.10 -15.89 15.24
N GLY A 28 -4.70 -16.37 14.06
CA GLY A 28 -3.34 -16.86 13.82
C GLY A 28 -2.66 -16.05 12.74
N MET A 29 -1.38 -15.75 12.92
CA MET A 29 -0.66 -14.93 11.94
C MET A 29 0.64 -15.59 11.54
N VAL A 30 0.84 -15.69 10.24
CA VAL A 30 2.07 -16.23 9.72
C VAL A 30 2.73 -15.18 8.86
N GLU A 31 3.90 -14.68 9.26
CA GLU A 31 4.62 -13.67 8.50
C GLU A 31 5.51 -14.35 7.45
N THR A 32 5.27 -14.10 6.17
CA THR A 32 6.00 -14.85 5.17
C THR A 32 6.84 -13.93 4.32
N LYS A 33 7.81 -14.51 3.62
CA LYS A 33 8.66 -13.72 2.77
C LYS A 33 8.21 -13.92 1.33
N GLY A 34 7.63 -12.89 0.74
CA GLY A 34 7.17 -12.99 -0.62
C GLY A 34 5.79 -13.60 -0.69
N LEU A 35 5.16 -13.43 -1.85
CA LEU A 35 3.78 -13.81 -2.03
C LEU A 35 3.62 -15.30 -2.29
N THR A 36 4.64 -15.98 -2.78
CA THR A 36 4.43 -17.40 -3.03
C THR A 36 4.40 -18.11 -1.67
N ALA A 37 5.32 -17.73 -0.78
CA ALA A 37 5.31 -18.30 0.56
C ALA A 37 4.02 -17.99 1.30
N ALA A 38 3.45 -16.82 1.03
CA ALA A 38 2.20 -16.48 1.71
C ALA A 38 1.07 -17.40 1.25
N ILE A 39 0.96 -17.59 -0.06
CA ILE A 39 -0.14 -18.37 -0.62
C ILE A 39 -0.01 -19.86 -0.29
N GLU A 40 1.21 -20.39 -0.38
CA GLU A 40 1.47 -21.74 0.09
C GLU A 40 1.06 -21.84 1.56
N ALA A 41 1.44 -20.85 2.37
CA ALA A 41 1.06 -20.86 3.79
C ALA A 41 -0.45 -20.82 3.92
N ALA A 42 -1.09 -19.93 3.19
CA ALA A 42 -2.54 -19.79 3.23
C ALA A 42 -3.20 -21.12 2.90
N ASP A 43 -2.67 -21.79 1.88
CA ASP A 43 -3.22 -23.03 1.41
C ASP A 43 -3.06 -24.14 2.48
N ALA A 44 -1.88 -24.24 3.07
CA ALA A 44 -1.64 -25.26 4.10
C ALA A 44 -2.50 -25.01 5.33
N MET A 45 -2.75 -23.75 5.65
CA MET A 45 -3.53 -23.45 6.85
C MET A 45 -4.97 -23.91 6.69
N VAL A 46 -5.66 -23.51 5.63
CA VAL A 46 -7.06 -23.92 5.48
C VAL A 46 -7.20 -25.40 5.14
N ALA A 47 -6.10 -26.01 4.71
CA ALA A 47 -6.11 -27.46 4.44
C ALA A 47 -5.92 -28.27 5.73
N SER A 48 -5.19 -27.73 6.70
CA SER A 48 -4.82 -28.51 7.86
C SER A 48 -5.85 -28.51 8.98
N ALA A 49 -6.73 -27.52 8.97
CA ALA A 49 -7.63 -27.35 10.11
C ALA A 49 -8.88 -26.57 9.74
N ASN A 50 -9.86 -26.58 10.63
CA ASN A 50 -11.10 -25.84 10.45
C ASN A 50 -10.91 -24.35 10.81
N VAL A 51 -10.23 -23.62 9.93
CA VAL A 51 -9.98 -22.20 10.10
C VAL A 51 -10.46 -21.46 8.86
N MET A 52 -10.70 -20.18 8.98
CA MET A 52 -11.04 -19.46 7.79
C MET A 52 -9.99 -18.42 7.52
N LEU A 53 -9.63 -18.32 6.26
CA LEU A 53 -8.68 -17.34 5.80
C LEU A 53 -9.28 -15.98 6.07
N VAL A 54 -8.52 -15.09 6.69
CA VAL A 54 -9.03 -13.75 6.96
C VAL A 54 -8.51 -12.71 5.96
N GLY A 55 -7.23 -12.81 5.61
CA GLY A 55 -6.66 -11.98 4.58
C GLY A 55 -5.14 -12.02 4.64
N TYR A 56 -4.48 -11.39 3.68
CA TYR A 56 -3.04 -11.31 3.73
C TYR A 56 -2.65 -9.85 3.90
N GLU A 57 -1.71 -9.58 4.79
CA GLU A 57 -1.29 -8.21 4.97
C GLU A 57 0.09 -7.97 4.39
N LYS A 58 0.15 -7.09 3.39
CA LYS A 58 1.41 -6.70 2.79
C LYS A 58 2.00 -5.54 3.58
N ILE A 59 2.95 -5.83 4.48
CA ILE A 59 3.48 -4.81 5.39
C ILE A 59 4.80 -4.25 4.90
N GLY A 60 5.16 -4.54 3.64
CA GLY A 60 6.38 -3.98 3.11
C GLY A 60 7.58 -4.91 3.19
N SER A 61 8.64 -4.54 2.50
CA SER A 61 9.89 -5.29 2.44
C SER A 61 9.68 -6.71 1.95
N GLY A 62 8.66 -6.93 1.13
CA GLY A 62 8.39 -8.27 0.61
C GLY A 62 7.70 -9.17 1.64
N LEU A 63 7.38 -8.62 2.80
CA LEU A 63 6.76 -9.39 3.88
C LEU A 63 5.27 -9.45 3.71
N VAL A 64 4.71 -10.65 3.71
CA VAL A 64 3.27 -10.80 3.65
C VAL A 64 2.79 -11.60 4.85
N THR A 65 1.88 -11.05 5.62
CA THR A 65 1.39 -11.79 6.78
C THR A 65 -0.02 -12.35 6.55
N VAL A 66 -0.12 -13.67 6.59
CA VAL A 66 -1.39 -14.38 6.39
C VAL A 66 -2.14 -14.55 7.73
N ILE A 67 -3.44 -14.28 7.73
CA ILE A 67 -4.21 -14.30 8.96
C ILE A 67 -5.38 -15.29 8.89
N VAL A 68 -5.54 -16.10 9.92
CA VAL A 68 -6.70 -16.99 9.99
C VAL A 68 -7.45 -16.83 11.33
N ARG A 69 -8.71 -17.30 11.33
CA ARG A 69 -9.55 -17.29 12.52
C ARG A 69 -10.17 -18.64 12.70
N GLY A 70 -10.53 -18.96 13.94
CA GLY A 70 -11.20 -20.22 14.23
C GLY A 70 -11.11 -20.54 15.69
N ASP A 71 -11.46 -21.77 16.05
CA ASP A 71 -11.32 -22.23 17.43
C ASP A 71 -9.86 -22.33 17.78
N VAL A 72 -9.59 -22.32 19.08
CA VAL A 72 -8.21 -22.28 19.55
C VAL A 72 -7.36 -23.40 18.94
N GLY A 73 -7.85 -24.63 19.07
CA GLY A 73 -7.14 -25.79 18.57
C GLY A 73 -6.81 -25.75 17.10
N ALA A 74 -7.77 -25.34 16.27
CA ALA A 74 -7.59 -25.29 14.82
C ALA A 74 -6.58 -24.21 14.45
N VAL A 75 -6.67 -23.07 15.12
CA VAL A 75 -5.78 -21.99 14.83
C VAL A 75 -4.34 -22.36 15.24
N LYS A 76 -4.17 -23.03 16.39
CA LYS A 76 -2.86 -23.50 16.80
C LYS A 76 -2.26 -24.41 15.74
N ALA A 77 -3.06 -25.37 15.29
CA ALA A 77 -2.62 -26.33 14.28
C ALA A 77 -2.34 -25.67 12.94
N ALA A 78 -3.27 -24.84 12.49
CA ALA A 78 -3.16 -24.18 11.19
C ALA A 78 -1.91 -23.30 11.09
N THR A 79 -1.58 -22.53 12.13
CA THR A 79 -0.42 -21.63 12.03
C THR A 79 0.89 -22.44 11.89
N ASP A 80 0.98 -23.55 12.62
CA ASP A 80 2.16 -24.39 12.48
C ASP A 80 2.24 -24.93 11.06
N ALA A 81 1.11 -25.37 10.50
CA ALA A 81 1.10 -25.89 9.12
C ALA A 81 1.56 -24.83 8.14
N GLY A 82 0.98 -23.64 8.27
CA GLY A 82 1.28 -22.49 7.43
C GLY A 82 2.74 -22.07 7.47
N ALA A 83 3.30 -22.01 8.66
CA ALA A 83 4.70 -21.66 8.84
C ALA A 83 5.61 -22.63 8.10
N ALA A 84 5.28 -23.92 8.19
CA ALA A 84 6.05 -24.99 7.57
C ALA A 84 6.05 -24.83 6.06
N ALA A 85 4.86 -24.56 5.51
CA ALA A 85 4.71 -24.38 4.09
C ALA A 85 5.55 -23.22 3.58
N ALA A 86 5.58 -22.15 4.37
CA ALA A 86 6.29 -20.94 4.00
C ALA A 86 7.77 -21.16 3.94
N ARG A 87 8.28 -21.94 4.89
CA ARG A 87 9.68 -22.34 4.90
C ARG A 87 10.06 -23.09 3.63
N ASN A 88 9.18 -23.95 3.15
CA ASN A 88 9.53 -24.84 2.06
C ASN A 88 9.48 -24.23 0.65
N VAL A 89 9.33 -22.91 0.56
CA VAL A 89 9.43 -22.22 -0.73
C VAL A 89 10.29 -20.95 -0.63
N ALA B 3 14.53 4.33 -14.35
CA ALA B 3 14.05 3.65 -15.55
C ALA B 3 12.88 4.41 -16.19
N VAL B 4 13.04 4.75 -17.46
CA VAL B 4 11.96 5.28 -18.28
C VAL B 4 11.66 4.26 -19.33
N HIS B 5 10.39 3.96 -19.55
CA HIS B 5 10.13 2.85 -20.43
C HIS B 5 8.84 3.06 -21.22
N VAL B 6 8.89 2.61 -22.46
CA VAL B 6 7.75 2.64 -23.35
C VAL B 6 7.46 1.23 -23.77
N ILE B 7 6.27 0.73 -23.47
CA ILE B 7 5.92 -0.60 -23.94
C ILE B 7 4.98 -0.42 -25.13
N PRO B 8 5.43 -0.92 -26.29
CA PRO B 8 4.83 -0.66 -27.62
C PRO B 8 3.40 -1.11 -28.01
N ARG B 9 2.99 -2.35 -27.77
CA ARG B 9 1.59 -2.72 -27.99
C ARG B 9 1.04 -3.45 -26.79
N PRO B 10 0.76 -2.70 -25.71
CA PRO B 10 0.33 -3.41 -24.50
C PRO B 10 -0.97 -4.15 -24.74
N HIS B 11 -0.97 -5.44 -24.41
CA HIS B 11 -2.16 -6.28 -24.46
C HIS B 11 -3.24 -5.64 -23.61
N THR B 12 -4.50 -5.83 -23.98
CA THR B 12 -5.61 -5.16 -23.29
C THR B 12 -5.67 -5.53 -21.81
N ASP B 13 -5.52 -6.81 -21.49
CA ASP B 13 -5.47 -7.25 -20.08
C ASP B 13 -4.35 -6.56 -19.27
N VAL B 14 -3.18 -6.42 -19.86
CA VAL B 14 -2.05 -5.76 -19.21
C VAL B 14 -2.43 -4.34 -18.82
N GLU B 15 -3.24 -3.68 -19.64
CA GLU B 15 -3.68 -2.38 -19.27
C GLU B 15 -4.87 -2.57 -18.36
N LYS B 16 -4.70 -3.45 -17.39
CA LYS B 16 -5.65 -3.58 -16.32
C LYS B 16 -5.60 -2.27 -15.62
N ILE B 17 -4.40 -1.72 -15.48
CA ILE B 17 -4.20 -0.61 -14.58
C ILE B 17 -5.15 0.52 -14.94
N LEU B 18 -5.45 0.71 -16.21
CA LEU B 18 -6.48 1.63 -16.61
C LEU B 18 -6.56 1.80 -18.12
N GLY B 22 -8.80 0.16 -22.02
CA GLY B 22 -8.28 0.78 -23.23
C GLY B 22 -7.52 -0.15 -24.15
N GLY B 23 -7.45 0.21 -25.43
CA GLY B 23 -6.68 -0.52 -26.41
C GLY B 23 -5.45 0.25 -26.84
N SER B 24 -5.08 1.22 -26.00
CA SER B 24 -4.23 2.32 -26.38
C SER B 24 -2.89 1.88 -26.96
N GLU B 25 -2.50 2.60 -28.00
CA GLU B 25 -1.41 2.23 -28.89
C GLU B 25 -0.09 1.98 -28.19
N ALA B 26 0.11 2.60 -27.03
CA ALA B 26 1.32 2.39 -26.26
C ALA B 26 1.17 2.86 -24.82
N LEU B 27 2.01 2.33 -23.93
CA LEU B 27 2.11 2.81 -22.55
C LEU B 27 3.51 3.33 -22.27
N GLY B 28 3.59 4.41 -21.52
CA GLY B 28 4.86 4.98 -21.10
C GLY B 28 4.98 4.98 -19.59
N MET B 29 6.18 4.70 -19.10
CA MET B 29 6.38 4.66 -17.67
C MET B 29 7.60 5.43 -17.21
N VAL B 30 7.41 6.31 -16.23
CA VAL B 30 8.54 7.03 -15.68
C VAL B 30 8.64 6.68 -14.20
N GLU B 31 9.73 6.00 -13.82
CA GLU B 31 9.91 5.62 -12.43
C GLU B 31 10.57 6.77 -11.72
N THR B 32 9.91 7.30 -10.69
CA THR B 32 10.42 8.50 -10.04
C THR B 32 10.71 8.30 -8.56
N LYS B 33 11.49 9.22 -8.00
CA LYS B 33 11.87 9.18 -6.59
C LYS B 33 11.08 10.22 -5.82
N GLY B 34 10.13 9.76 -5.01
CA GLY B 34 9.30 10.66 -4.22
C GLY B 34 8.10 11.18 -4.99
N LEU B 35 7.12 11.68 -4.26
CA LEU B 35 5.85 12.01 -4.86
C LEU B 35 5.95 13.33 -5.62
N THR B 36 6.92 14.14 -5.25
CA THR B 36 7.07 15.42 -5.92
C THR B 36 7.57 15.19 -7.34
N ALA B 37 8.58 14.34 -7.47
CA ALA B 37 9.11 13.97 -8.78
C ALA B 37 8.05 13.30 -9.65
N ALA B 38 7.12 12.56 -9.01
CA ALA B 38 6.05 11.91 -9.75
C ALA B 38 5.08 12.94 -10.32
N ILE B 39 4.66 13.86 -9.49
CA ILE B 39 3.69 14.86 -9.90
C ILE B 39 4.27 15.81 -10.96
N GLU B 40 5.49 16.25 -10.75
CA GLU B 40 6.19 17.03 -11.76
C GLU B 40 6.36 16.25 -13.06
N ALA B 41 6.72 14.96 -12.95
CA ALA B 41 6.83 14.12 -14.14
C ALA B 41 5.47 14.04 -14.84
N ALA B 42 4.41 13.79 -14.07
CA ALA B 42 3.06 13.71 -14.62
C ALA B 42 2.68 15.00 -15.33
N ASP B 43 2.96 16.12 -14.68
CA ASP B 43 2.50 17.37 -15.21
C ASP B 43 3.23 17.68 -16.52
N ALA B 44 4.53 17.45 -16.52
CA ALA B 44 5.34 17.66 -17.72
C ALA B 44 4.93 16.73 -18.85
N MET B 45 4.46 15.53 -18.51
CA MET B 45 4.03 14.54 -19.51
C MET B 45 2.76 14.95 -20.24
N VAL B 46 1.72 15.32 -19.51
CA VAL B 46 0.46 15.69 -20.15
C VAL B 46 0.59 17.03 -20.87
N ALA B 47 1.63 17.79 -20.53
CA ALA B 47 1.89 19.06 -21.18
C ALA B 47 2.65 18.93 -22.51
N SER B 48 3.55 17.95 -22.60
CA SER B 48 4.46 17.86 -23.73
C SER B 48 3.83 17.12 -24.90
N ALA B 49 2.73 16.40 -24.65
CA ALA B 49 2.16 15.54 -25.68
C ALA B 49 0.68 15.26 -25.50
N ASN B 50 0.06 14.75 -26.56
CA ASN B 50 -1.32 14.31 -26.51
C ASN B 50 -1.40 12.91 -25.91
N VAL B 51 -1.21 12.83 -24.60
CA VAL B 51 -1.28 11.57 -23.87
C VAL B 51 -2.22 11.73 -22.68
N MET B 52 -2.72 10.63 -22.17
CA MET B 52 -3.60 10.68 -21.02
C MET B 52 -3.00 9.96 -19.85
N LEU B 53 -2.99 10.61 -18.70
CA LEU B 53 -2.53 9.98 -17.47
C LEU B 53 -3.35 8.78 -17.13
N VAL B 54 -2.69 7.70 -16.76
CA VAL B 54 -3.41 6.52 -16.35
C VAL B 54 -3.43 6.43 -14.82
N GLY B 55 -2.29 6.71 -14.18
CA GLY B 55 -2.22 6.73 -12.73
C GLY B 55 -0.78 6.70 -12.25
N TYR B 56 -0.60 6.75 -10.93
CA TYR B 56 0.72 6.58 -10.36
C TYR B 56 0.72 5.29 -9.54
N GLU B 57 1.76 4.49 -9.66
CA GLU B 57 1.85 3.25 -8.89
C GLU B 57 2.89 3.44 -7.80
N LYS B 58 2.48 3.26 -6.55
CA LYS B 58 3.41 3.35 -5.44
C LYS B 58 4.03 1.97 -5.19
N ILE B 59 5.28 1.74 -5.61
CA ILE B 59 5.81 0.39 -5.46
C ILE B 59 6.76 0.22 -4.26
N GLY B 60 6.83 1.22 -3.39
CA GLY B 60 7.65 1.09 -2.21
C GLY B 60 9.00 1.76 -2.34
N SER B 61 9.71 1.86 -1.22
CA SER B 61 11.04 2.49 -1.22
C SER B 61 10.99 3.90 -1.80
N GLY B 62 9.88 4.58 -1.60
CA GLY B 62 9.79 5.97 -2.02
C GLY B 62 9.63 6.11 -3.51
N LEU B 63 9.60 4.99 -4.23
CA LEU B 63 9.51 4.97 -5.68
C LEU B 63 8.07 5.03 -6.19
N VAL B 64 7.79 5.99 -7.05
CA VAL B 64 6.48 6.14 -7.66
C VAL B 64 6.59 6.12 -9.17
N THR B 65 5.89 5.22 -9.83
CA THR B 65 5.95 5.09 -11.26
C THR B 65 4.71 5.69 -11.94
N VAL B 66 4.93 6.72 -12.73
CA VAL B 66 3.83 7.38 -13.42
C VAL B 66 3.57 6.71 -14.77
N ILE B 67 2.30 6.54 -15.08
CA ILE B 67 1.91 5.82 -16.27
C ILE B 67 1.07 6.71 -17.14
N VAL B 68 1.44 6.75 -18.40
CA VAL B 68 0.70 7.50 -19.38
C VAL B 68 0.35 6.56 -20.53
N ARG B 69 -0.68 6.91 -21.31
CA ARG B 69 -1.06 6.13 -22.49
C ARG B 69 -1.27 7.10 -23.66
N GLY B 70 -1.16 6.60 -24.89
CA GLY B 70 -1.38 7.40 -26.08
C GLY B 70 -0.79 6.77 -27.34
N ASP B 71 -0.72 7.54 -28.43
CA ASP B 71 -0.04 7.08 -29.64
C ASP B 71 1.43 6.96 -29.37
N VAL B 72 2.13 6.14 -30.14
CA VAL B 72 3.55 5.90 -29.92
C VAL B 72 4.39 7.18 -29.86
N GLY B 73 4.31 8.00 -30.89
CA GLY B 73 5.06 9.23 -30.94
C GLY B 73 4.80 10.12 -29.74
N ALA B 74 3.54 10.21 -29.31
CA ALA B 74 3.22 11.06 -28.17
C ALA B 74 3.83 10.51 -26.91
N VAL B 75 3.67 9.21 -26.71
CA VAL B 75 4.12 8.57 -25.49
C VAL B 75 5.65 8.60 -25.40
N LYS B 76 6.34 8.39 -26.53
CA LYS B 76 7.81 8.52 -26.56
C LYS B 76 8.23 9.89 -26.06
N ALA B 77 7.67 10.94 -26.64
CA ALA B 77 7.99 12.31 -26.27
C ALA B 77 7.56 12.60 -24.83
N ALA B 78 6.37 12.17 -24.47
CA ALA B 78 5.85 12.44 -23.14
C ALA B 78 6.76 11.87 -22.05
N THR B 79 7.17 10.62 -22.18
CA THR B 79 7.97 10.00 -21.13
C THR B 79 9.33 10.69 -21.02
N ASP B 80 9.90 11.09 -22.17
CA ASP B 80 11.20 11.78 -22.15
C ASP B 80 11.11 13.09 -21.35
N ALA B 81 10.03 13.84 -21.58
CA ALA B 81 9.75 15.06 -20.84
C ALA B 81 9.56 14.72 -19.36
N GLY B 82 8.79 13.66 -19.11
CA GLY B 82 8.50 13.24 -17.75
C GLY B 82 9.76 12.93 -16.96
N ALA B 83 10.67 12.18 -17.57
CA ALA B 83 11.92 11.81 -16.91
C ALA B 83 12.77 13.04 -16.60
N ALA B 84 12.82 13.97 -17.55
CA ALA B 84 13.58 15.21 -17.39
C ALA B 84 12.99 16.06 -16.25
N ALA B 85 11.66 16.14 -16.18
CA ALA B 85 11.03 16.93 -15.12
C ALA B 85 11.40 16.37 -13.76
N ALA B 86 11.42 15.04 -13.68
CA ALA B 86 11.72 14.36 -12.44
C ALA B 86 13.17 14.62 -12.02
N ARG B 87 14.08 14.70 -12.98
CA ARG B 87 15.48 15.02 -12.69
C ARG B 87 15.60 16.37 -12.00
N ASN B 88 14.88 17.36 -12.52
CA ASN B 88 15.05 18.75 -12.09
C ASN B 88 14.36 19.06 -10.77
N VAL B 89 13.92 18.04 -10.05
CA VAL B 89 13.37 18.28 -8.71
C VAL B 89 13.95 17.33 -7.68
N ALA C 3 11.55 16.52 0.98
CA ALA C 3 11.25 17.56 0.00
C ALA C 3 9.94 18.26 0.34
N VAL C 4 10.00 19.59 0.44
CA VAL C 4 8.79 20.38 0.58
C VAL C 4 8.61 21.12 -0.73
N HIS C 5 7.43 21.04 -1.30
CA HIS C 5 7.26 21.47 -2.69
C HIS C 5 5.89 22.03 -3.00
N VAL C 6 5.87 23.04 -3.87
CA VAL C 6 4.64 23.60 -4.39
C VAL C 6 4.58 23.52 -5.91
N ILE C 7 3.62 22.78 -6.45
CA ILE C 7 3.49 22.79 -7.90
C ILE C 7 2.35 23.71 -8.30
N PRO C 8 2.73 24.76 -9.05
CA PRO C 8 1.89 25.94 -9.37
C PRO C 8 0.61 25.87 -10.24
N ARG C 9 0.58 25.19 -11.40
CA ARG C 9 -0.69 25.08 -12.09
C ARG C 9 -0.93 23.64 -12.47
N PRO C 10 -1.32 22.84 -11.48
CA PRO C 10 -1.48 21.43 -11.78
C PRO C 10 -2.52 21.26 -12.86
N HIS C 11 -2.14 20.54 -13.89
CA HIS C 11 -3.08 20.07 -14.90
C HIS C 11 -4.13 19.20 -14.22
N THR C 12 -5.35 19.19 -14.75
CA THR C 12 -6.48 18.52 -14.11
C THR C 12 -6.25 17.02 -13.86
N ASP C 13 -5.75 16.30 -14.88
CA ASP C 13 -5.44 14.89 -14.74
C ASP C 13 -4.52 14.65 -13.56
N VAL C 14 -3.50 15.48 -13.43
CA VAL C 14 -2.52 15.36 -12.37
C VAL C 14 -3.14 15.49 -10.99
N GLU C 15 -4.01 16.49 -10.82
CA GLU C 15 -4.64 16.72 -9.53
C GLU C 15 -5.77 15.76 -9.19
N LYS C 16 -6.54 15.38 -10.20
CA LYS C 16 -7.68 14.47 -10.00
C LYS C 16 -7.25 13.11 -9.48
N ILE C 17 -6.19 12.58 -10.08
CA ILE C 17 -5.67 11.27 -9.76
C ILE C 17 -5.17 11.20 -8.32
N LEU C 18 -4.79 12.35 -7.77
CA LEU C 18 -4.43 12.43 -6.36
C LEU C 18 -5.63 12.58 -5.42
N GLY C 19 -6.81 12.85 -6.00
CA GLY C 19 -8.03 13.05 -5.23
C GLY C 19 -8.27 14.48 -4.77
N GLY C 22 -11.25 18.12 -9.03
CA GLY C 22 -11.28 19.53 -9.36
C GLY C 22 -9.94 20.10 -9.80
N GLY C 23 -9.96 21.25 -10.45
CA GLY C 23 -8.75 21.97 -10.83
C GLY C 23 -8.42 23.13 -9.91
N SER C 24 -7.31 23.01 -9.20
CA SER C 24 -6.88 23.95 -8.17
C SER C 24 -5.75 24.88 -8.57
N GLU C 25 -5.71 26.05 -7.96
CA GLU C 25 -4.66 27.04 -8.23
C GLU C 25 -3.23 26.59 -7.90
N ALA C 26 -3.06 25.68 -6.94
CA ALA C 26 -1.75 25.14 -6.59
C ALA C 26 -1.89 23.88 -5.75
N LEU C 27 -0.85 23.06 -5.74
CA LEU C 27 -0.81 21.89 -4.86
C LEU C 27 0.37 21.99 -3.91
N GLY C 28 0.18 21.60 -2.66
CA GLY C 28 1.29 21.59 -1.72
C GLY C 28 1.62 20.17 -1.30
N MET C 29 2.92 19.85 -1.21
CA MET C 29 3.32 18.52 -0.77
C MET C 29 4.39 18.60 0.30
N VAL C 30 4.11 17.94 1.41
CA VAL C 30 5.05 17.84 2.50
C VAL C 30 5.38 16.38 2.75
N GLU C 31 6.62 15.96 2.55
CA GLU C 31 6.98 14.56 2.78
C GLU C 31 7.46 14.34 4.19
N THR C 32 6.77 13.47 4.92
CA THR C 32 7.08 13.30 6.33
C THR C 32 7.57 11.90 6.62
N LYS C 33 8.16 11.74 7.80
CA LYS C 33 8.67 10.45 8.26
C LYS C 33 7.66 9.90 9.28
N GLY C 34 6.96 8.82 8.95
CA GLY C 34 6.02 8.26 9.90
C GLY C 34 4.67 8.95 9.89
N LEU C 35 3.67 8.31 10.46
CA LEU C 35 2.32 8.81 10.29
C LEU C 35 2.03 9.96 11.25
N THR C 36 2.80 10.02 12.31
CA THR C 36 2.59 11.03 13.32
C THR C 36 2.94 12.40 12.79
N ALA C 37 4.11 12.49 12.18
CA ALA C 37 4.52 13.75 11.57
C ALA C 37 3.56 14.11 10.45
N ALA C 38 3.01 13.12 9.76
CA ALA C 38 2.11 13.37 8.64
C ALA C 38 0.82 14.05 9.10
N ILE C 39 0.24 13.52 10.17
CA ILE C 39 -1.00 14.05 10.68
C ILE C 39 -0.76 15.44 11.30
N GLU C 40 0.33 15.58 12.05
CA GLU C 40 0.72 16.90 12.56
C GLU C 40 0.91 17.93 11.44
N ALA C 41 1.63 17.56 10.39
CA ALA C 41 1.83 18.44 9.25
C ALA C 41 0.48 18.78 8.62
N ALA C 42 -0.35 17.76 8.39
CA ALA C 42 -1.70 17.97 7.83
C ALA C 42 -2.47 18.95 8.70
N ASP C 43 -2.39 18.74 10.01
CA ASP C 43 -3.14 19.55 10.96
C ASP C 43 -2.65 21.00 10.98
N ALA C 44 -1.34 21.19 11.04
CA ALA C 44 -0.79 22.51 11.05
C ALA C 44 -1.13 23.22 9.72
N MET C 45 -1.16 22.45 8.63
CA MET C 45 -1.42 23.04 7.31
C MET C 45 -2.83 23.57 7.17
N VAL C 46 -3.84 22.76 7.49
CA VAL C 46 -5.21 23.23 7.30
C VAL C 46 -5.53 24.29 8.35
N ALA C 47 -4.73 24.35 9.41
CA ALA C 47 -4.95 25.37 10.43
C ALA C 47 -4.29 26.71 10.09
N SER C 48 -3.16 26.66 9.40
CA SER C 48 -2.35 27.87 9.20
C SER C 48 -2.79 28.71 8.01
N ALA C 49 -3.60 28.12 7.12
CA ALA C 49 -3.95 28.78 5.87
C ALA C 49 -5.25 28.26 5.30
N ASN C 50 -5.81 28.98 4.34
CA ASN C 50 -7.03 28.53 3.66
C ASN C 50 -6.70 27.48 2.58
N VAL C 51 -6.37 26.27 3.03
CA VAL C 51 -6.06 25.15 2.13
C VAL C 51 -6.93 23.95 2.47
N MET C 52 -7.15 23.06 1.51
CA MET C 52 -7.92 21.85 1.81
C MET C 52 -7.05 20.60 1.66
N LEU C 53 -7.17 19.70 2.63
CA LEU C 53 -6.48 18.41 2.57
C LEU C 53 -6.93 17.53 1.42
N VAL C 54 -5.97 16.99 0.69
CA VAL C 54 -6.25 16.13 -0.44
C VAL C 54 -6.09 14.66 -0.05
N GLY C 55 -5.03 14.37 0.70
CA GLY C 55 -4.81 13.01 1.19
C GLY C 55 -3.37 12.77 1.68
N TYR C 56 -3.13 11.56 2.17
CA TYR C 56 -1.79 11.14 2.57
C TYR C 56 -1.35 10.10 1.58
N GLU C 57 -0.14 10.20 1.08
CA GLU C 57 0.33 9.15 0.20
C GLU C 57 1.44 8.39 0.93
N LYS C 58 1.18 7.12 1.19
CA LYS C 58 2.17 6.25 1.81
C LYS C 58 3.07 5.63 0.75
N ILE C 59 4.26 6.20 0.56
CA ILE C 59 5.10 5.76 -0.55
C ILE C 59 6.21 4.79 -0.14
N GLY C 60 6.10 4.21 1.04
CA GLY C 60 7.04 3.20 1.47
C GLY C 60 8.16 3.79 2.32
N SER C 61 8.90 2.91 2.98
CA SER C 61 10.03 3.28 3.81
C SER C 61 9.60 4.23 4.93
N GLY C 62 8.35 4.11 5.37
CA GLY C 62 7.87 4.92 6.47
C GLY C 62 7.52 6.33 6.06
N LEU C 63 7.66 6.63 4.80
CA LEU C 63 7.41 7.97 4.29
C LEU C 63 5.94 8.20 3.94
N VAL C 64 5.38 9.29 4.46
CA VAL C 64 4.03 9.68 4.14
C VAL C 64 4.04 11.10 3.59
N THR C 65 3.50 11.29 2.40
CA THR C 65 3.50 12.61 1.77
C THR C 65 2.12 13.18 1.83
N VAL C 66 2.00 14.31 2.52
CA VAL C 66 0.73 15.00 2.72
C VAL C 66 0.53 16.00 1.60
N ILE C 67 -0.67 16.03 1.04
CA ILE C 67 -0.95 16.93 -0.08
C ILE C 67 -2.14 17.82 0.24
N VAL C 68 -1.97 19.12 0.01
CA VAL C 68 -3.05 20.08 0.18
C VAL C 68 -3.19 20.86 -1.12
N ARG C 69 -4.35 21.46 -1.29
CA ARG C 69 -4.62 22.31 -2.44
C ARG C 69 -5.23 23.62 -1.99
N GLY C 70 -5.05 24.65 -2.81
CA GLY C 70 -5.62 25.95 -2.52
C GLY C 70 -4.97 27.00 -3.37
N ASP C 71 -5.28 28.27 -3.09
CA ASP C 71 -4.68 29.38 -3.81
C ASP C 71 -3.19 29.45 -3.48
N VAL C 72 -2.41 30.09 -4.34
CA VAL C 72 -0.96 30.13 -4.21
C VAL C 72 -0.39 30.61 -2.88
N GLY C 73 -0.77 31.82 -2.44
CA GLY C 73 -0.23 32.34 -1.19
C GLY C 73 -0.51 31.40 -0.01
N ALA C 74 -1.72 30.87 0.04
CA ALA C 74 -2.14 30.00 1.12
C ALA C 74 -1.35 28.70 1.10
N VAL C 75 -1.16 28.15 -0.09
CA VAL C 75 -0.47 26.88 -0.20
C VAL C 75 1.01 27.04 0.20
N LYS C 76 1.64 28.15 -0.18
CA LYS C 76 3.00 28.45 0.25
C LYS C 76 3.09 28.47 1.78
N ALA C 77 2.17 29.21 2.40
CA ALA C 77 2.15 29.34 3.85
C ALA C 77 1.87 27.99 4.50
N ALA C 78 0.92 27.25 3.94
CA ALA C 78 0.56 25.93 4.50
C ALA C 78 1.75 24.97 4.48
N THR C 79 2.48 24.94 3.38
CA THR C 79 3.56 23.96 3.26
C THR C 79 4.68 24.22 4.25
N ASP C 80 4.98 25.50 4.47
CA ASP C 80 5.97 25.88 5.47
C ASP C 80 5.48 25.45 6.85
N ALA C 81 4.20 25.65 7.14
CA ALA C 81 3.64 25.26 8.42
C ALA C 81 3.76 23.75 8.61
N GLY C 82 3.41 23.01 7.56
CA GLY C 82 3.46 21.56 7.58
C GLY C 82 4.85 21.02 7.84
N ALA C 83 5.83 21.57 7.13
CA ALA C 83 7.21 21.10 7.27
C ALA C 83 7.72 21.30 8.68
N ALA C 84 7.37 22.45 9.27
CA ALA C 84 7.80 22.77 10.63
C ALA C 84 7.22 21.79 11.65
N ALA C 85 5.93 21.53 11.56
CA ALA C 85 5.29 20.58 12.46
C ALA C 85 5.91 19.18 12.30
N ALA C 86 6.25 18.79 11.07
CA ALA C 86 6.80 17.45 10.84
C ALA C 86 8.16 17.30 11.50
N ARG C 87 8.97 18.36 11.48
CA ARG C 87 10.24 18.33 12.18
C ARG C 87 10.07 18.09 13.65
N ASN C 88 9.12 18.81 14.25
CA ASN C 88 9.02 18.85 15.70
C ASN C 88 8.37 17.62 16.34
N VAL C 89 8.23 16.54 15.58
CA VAL C 89 7.76 15.29 16.15
C VAL C 89 8.64 14.13 15.75
N ALA D 3 11.70 -15.00 -7.41
CA ALA D 3 10.97 -16.26 -7.27
C ALA D 3 9.90 -16.40 -8.34
N VAL D 4 9.96 -17.50 -9.08
CA VAL D 4 8.89 -17.89 -9.99
C VAL D 4 8.22 -19.16 -9.46
N HIS D 5 6.90 -19.18 -9.40
CA HIS D 5 6.22 -20.26 -8.71
C HIS D 5 4.87 -20.58 -9.33
N VAL D 6 4.55 -21.87 -9.35
CA VAL D 6 3.27 -22.36 -9.82
C VAL D 6 2.67 -23.17 -8.68
N ILE D 7 1.53 -22.73 -8.15
CA ILE D 7 0.84 -23.48 -7.12
C ILE D 7 -0.37 -24.20 -7.75
N PRO D 8 -0.36 -25.53 -7.66
CA PRO D 8 -1.30 -26.44 -8.36
C PRO D 8 -2.82 -26.53 -8.05
N ARG D 9 -3.26 -26.59 -6.78
CA ARG D 9 -4.68 -26.59 -6.49
C ARG D 9 -5.04 -25.59 -5.42
N PRO D 10 -5.00 -24.29 -5.75
CA PRO D 10 -5.31 -23.32 -4.70
C PRO D 10 -6.72 -23.53 -4.19
N HIS D 11 -6.87 -23.66 -2.88
CA HIS D 11 -8.20 -23.68 -2.27
C HIS D 11 -8.89 -22.39 -2.67
N THR D 12 -10.20 -22.48 -2.84
CA THR D 12 -10.93 -21.35 -3.40
C THR D 12 -10.76 -20.11 -2.51
N ASP D 13 -10.85 -20.29 -1.20
CA ASP D 13 -10.60 -19.19 -0.25
C ASP D 13 -9.26 -18.52 -0.46
N VAL D 14 -8.25 -19.35 -0.67
CA VAL D 14 -6.91 -18.86 -0.93
C VAL D 14 -6.82 -18.02 -2.21
N GLU D 15 -7.42 -18.51 -3.30
CA GLU D 15 -7.35 -17.79 -4.58
C GLU D 15 -8.29 -16.58 -4.58
N LYS D 16 -9.33 -16.64 -3.77
CA LYS D 16 -10.24 -15.50 -3.65
C LYS D 16 -9.54 -14.30 -3.01
N ILE D 17 -8.87 -14.54 -1.89
CA ILE D 17 -8.20 -13.48 -1.14
C ILE D 17 -7.08 -12.84 -1.96
N SER D 24 -10.05 -22.13 -10.39
CA SER D 24 -9.34 -23.35 -10.06
C SER D 24 -8.14 -23.61 -10.98
N GLU D 25 -7.85 -24.88 -11.20
CA GLU D 25 -6.78 -25.38 -12.09
C GLU D 25 -5.31 -25.10 -11.69
N ALA D 26 -4.94 -23.82 -11.64
CA ALA D 26 -3.59 -23.41 -11.21
C ALA D 26 -3.39 -21.90 -11.12
N LEU D 27 -2.42 -21.51 -10.30
CA LEU D 27 -1.94 -20.13 -10.21
C LEU D 27 -0.46 -19.98 -10.50
N GLY D 28 -0.10 -18.93 -11.25
CA GLY D 28 1.30 -18.63 -11.52
C GLY D 28 1.77 -17.28 -10.98
N MET D 29 2.99 -17.24 -10.46
CA MET D 29 3.50 -16.00 -9.90
C MET D 29 4.88 -15.66 -10.43
N VAL D 30 5.05 -14.44 -10.93
CA VAL D 30 6.36 -13.97 -11.34
C VAL D 30 6.75 -12.76 -10.49
N GLU D 31 7.79 -12.88 -9.66
CA GLU D 31 8.16 -11.73 -8.85
C GLU D 31 9.17 -10.88 -9.62
N THR D 32 8.83 -9.62 -9.88
CA THR D 32 9.69 -8.78 -10.71
C THR D 32 10.21 -7.63 -9.89
N LYS D 33 11.26 -7.00 -10.40
CA LYS D 33 11.87 -5.86 -9.74
C LYS D 33 11.45 -4.61 -10.53
N GLY D 34 10.63 -3.77 -9.93
CA GLY D 34 10.14 -2.56 -10.59
C GLY D 34 8.90 -2.82 -11.45
N LEU D 35 8.20 -1.76 -11.82
CA LEU D 35 6.92 -1.90 -12.51
C LEU D 35 7.11 -2.16 -13.98
N THR D 36 8.25 -1.71 -14.49
CA THR D 36 8.54 -1.84 -15.90
C THR D 36 8.82 -3.33 -16.20
N ALA D 37 9.59 -3.98 -15.34
CA ALA D 37 9.81 -5.41 -15.47
C ALA D 37 8.50 -6.17 -15.25
N ALA D 38 7.62 -5.59 -14.44
CA ALA D 38 6.37 -6.25 -14.12
C ALA D 38 5.49 -6.36 -15.35
N ILE D 39 5.32 -5.23 -16.04
CA ILE D 39 4.44 -5.16 -17.19
C ILE D 39 4.96 -5.97 -18.38
N GLU D 40 6.26 -5.86 -18.65
CA GLU D 40 6.88 -6.67 -19.68
C GLU D 40 6.65 -8.15 -19.39
N ALA D 41 6.77 -8.54 -18.13
CA ALA D 41 6.47 -9.92 -17.73
C ALA D 41 5.00 -10.26 -18.00
N ALA D 42 4.10 -9.37 -17.59
CA ALA D 42 2.67 -9.52 -17.80
C ALA D 42 2.31 -9.68 -19.28
N ASP D 43 2.87 -8.81 -20.12
CA ASP D 43 2.57 -8.79 -21.56
C ASP D 43 3.07 -10.09 -22.17
N ALA D 44 4.26 -10.50 -21.77
CA ALA D 44 4.84 -11.74 -22.25
C ALA D 44 4.02 -12.95 -21.82
N MET D 45 3.44 -12.89 -20.63
CA MET D 45 2.68 -14.04 -20.15
C MET D 45 1.39 -14.21 -20.92
N VAL D 46 0.60 -13.15 -21.01
CA VAL D 46 -0.69 -13.23 -21.69
C VAL D 46 -0.57 -13.39 -23.20
N ALA D 47 0.60 -13.07 -23.75
CA ALA D 47 0.87 -13.27 -25.19
C ALA D 47 1.32 -14.68 -25.48
N SER D 48 2.05 -15.26 -24.55
CA SER D 48 2.73 -16.52 -24.79
C SER D 48 1.86 -17.76 -24.53
N ALA D 49 0.77 -17.59 -23.79
CA ALA D 49 -0.01 -18.74 -23.38
C ALA D 49 -1.47 -18.38 -23.15
N ASN D 50 -2.31 -19.40 -23.12
CA ASN D 50 -3.71 -19.19 -22.87
C ASN D 50 -3.98 -19.08 -21.39
N VAL D 51 -3.58 -17.95 -20.81
CA VAL D 51 -3.78 -17.63 -19.39
C VAL D 51 -4.44 -16.26 -19.22
N MET D 52 -5.00 -16.04 -18.04
CA MET D 52 -5.54 -14.72 -17.69
C MET D 52 -4.74 -14.04 -16.57
N LEU D 53 -4.47 -12.75 -16.77
CA LEU D 53 -3.86 -11.94 -15.72
C LEU D 53 -4.83 -11.87 -14.55
N VAL D 54 -4.32 -12.07 -13.34
CA VAL D 54 -5.14 -12.00 -12.15
C VAL D 54 -4.95 -10.65 -11.50
N GLY D 55 -3.70 -10.21 -11.45
CA GLY D 55 -3.36 -8.90 -10.93
C GLY D 55 -1.89 -8.82 -10.63
N TYR D 56 -1.45 -7.63 -10.21
CA TYR D 56 -0.09 -7.40 -9.76
C TYR D 56 -0.13 -7.03 -8.27
N GLU D 57 0.75 -7.64 -7.48
CA GLU D 57 0.83 -7.34 -6.05
C GLU D 57 2.04 -6.53 -5.71
N LYS D 58 1.83 -5.33 -5.17
CA LYS D 58 2.95 -4.50 -4.74
C LYS D 58 3.30 -4.86 -3.32
N ILE D 59 4.37 -5.63 -3.13
CA ILE D 59 4.74 -6.12 -1.80
C ILE D 59 5.90 -5.35 -1.18
N GLY D 60 6.25 -4.21 -1.78
CA GLY D 60 7.25 -3.33 -1.20
C GLY D 60 8.64 -3.51 -1.77
N SER D 61 9.51 -2.55 -1.47
CA SER D 61 10.90 -2.60 -1.93
C SER D 61 10.97 -2.71 -3.45
N GLY D 62 9.99 -2.11 -4.13
CA GLY D 62 9.98 -2.05 -5.59
C GLY D 62 9.57 -3.37 -6.21
N LEU D 63 9.30 -4.39 -5.40
CA LEU D 63 8.95 -5.69 -5.94
C LEU D 63 7.49 -5.77 -6.29
N VAL D 64 7.23 -6.20 -7.52
CA VAL D 64 5.89 -6.40 -8.00
C VAL D 64 5.73 -7.84 -8.41
N THR D 65 4.73 -8.50 -7.84
CA THR D 65 4.51 -9.90 -8.14
C THR D 65 3.32 -10.04 -9.08
N VAL D 66 3.59 -10.53 -10.28
CA VAL D 66 2.55 -10.67 -11.30
C VAL D 66 1.89 -12.06 -11.19
N ILE D 67 0.57 -12.07 -11.29
CA ILE D 67 -0.18 -13.30 -11.10
C ILE D 67 -1.01 -13.62 -12.33
N VAL D 68 -0.92 -14.88 -12.76
CA VAL D 68 -1.76 -15.38 -13.82
C VAL D 68 -2.45 -16.64 -13.31
N ARG D 69 -3.56 -17.01 -13.97
CA ARG D 69 -4.27 -18.25 -13.70
C ARG D 69 -4.57 -18.94 -15.03
N GLY D 70 -4.76 -20.26 -14.98
CA GLY D 70 -5.07 -21.02 -16.18
C GLY D 70 -4.86 -22.50 -15.93
N ASP D 71 -4.85 -23.30 -17.00
CA ASP D 71 -4.50 -24.70 -16.84
C ASP D 71 -3.07 -24.76 -16.40
N VAL D 72 -2.73 -25.87 -15.76
CA VAL D 72 -1.41 -26.09 -15.24
C VAL D 72 -0.35 -25.85 -16.30
N GLY D 73 -0.52 -26.53 -17.43
CA GLY D 73 0.39 -26.47 -18.54
C GLY D 73 0.60 -25.08 -19.08
N ALA D 74 -0.48 -24.33 -19.22
CA ALA D 74 -0.43 -22.97 -19.73
C ALA D 74 0.30 -22.06 -18.72
N VAL D 75 -0.04 -22.25 -17.45
CA VAL D 75 0.56 -21.46 -16.39
C VAL D 75 2.06 -21.75 -16.26
N LYS D 76 2.45 -23.02 -16.38
CA LYS D 76 3.87 -23.35 -16.39
C LYS D 76 4.60 -22.58 -17.49
N ALA D 77 4.06 -22.64 -18.70
CA ALA D 77 4.65 -21.96 -19.84
C ALA D 77 4.65 -20.45 -19.68
N ALA D 78 3.53 -19.90 -19.22
CA ALA D 78 3.39 -18.47 -19.08
C ALA D 78 4.44 -17.89 -18.12
N THR D 79 4.61 -18.55 -16.98
CA THR D 79 5.51 -18.05 -15.95
C THR D 79 6.98 -18.06 -16.42
N ASP D 80 7.39 -19.07 -17.17
CA ASP D 80 8.75 -19.06 -17.71
C ASP D 80 8.89 -17.85 -18.65
N ALA D 81 7.87 -17.61 -19.47
CA ALA D 81 7.90 -16.48 -20.38
C ALA D 81 8.00 -15.16 -19.62
N GLY D 82 7.16 -15.02 -18.60
CA GLY D 82 7.13 -13.79 -17.82
C GLY D 82 8.49 -13.51 -17.18
N ALA D 83 9.10 -14.51 -16.56
CA ALA D 83 10.41 -14.33 -15.94
C ALA D 83 11.49 -13.91 -16.95
N ALA D 84 11.45 -14.50 -18.16
CA ALA D 84 12.46 -14.16 -19.16
C ALA D 84 12.37 -12.69 -19.56
N ALA D 85 11.15 -12.21 -19.83
CA ALA D 85 10.92 -10.81 -20.21
C ALA D 85 11.39 -9.81 -19.14
N ALA D 86 11.17 -10.15 -17.87
CA ALA D 86 11.56 -9.27 -16.76
C ALA D 86 13.09 -9.16 -16.67
N ARG D 87 13.81 -10.25 -16.95
CA ARG D 87 15.28 -10.22 -16.97
C ARG D 87 15.76 -9.24 -18.01
N ASN D 88 15.14 -9.30 -19.20
CA ASN D 88 15.63 -8.60 -20.36
C ASN D 88 15.30 -7.12 -20.36
N VAL D 89 14.82 -6.63 -19.24
CA VAL D 89 14.64 -5.20 -19.04
C VAL D 89 15.19 -4.79 -17.68
N ALA E 3 7.70 5.07 18.40
CA ALA E 3 6.97 6.32 18.56
C ALA E 3 5.51 6.12 19.03
N VAL E 4 5.18 6.77 20.14
CA VAL E 4 3.84 6.83 20.66
C VAL E 4 3.38 8.28 20.63
N HIS E 5 2.16 8.56 20.15
N HIS E 5 2.16 8.54 20.19
CA HIS E 5 1.74 9.96 19.99
CA HIS E 5 1.72 9.92 20.01
C HIS E 5 0.23 10.13 20.20
C HIS E 5 0.22 10.12 20.22
N VAL E 6 -0.13 11.25 20.82
CA VAL E 6 -1.53 11.61 21.00
C VAL E 6 -1.70 12.94 20.33
N ILE E 7 -2.51 12.99 19.29
CA ILE E 7 -2.78 14.28 18.70
C ILE E 7 -4.13 14.73 19.19
N PRO E 8 -4.16 15.91 19.76
CA PRO E 8 -5.33 16.42 20.41
C PRO E 8 -6.00 17.35 19.48
N ARG E 9 -7.31 17.36 19.50
CA ARG E 9 -8.07 18.31 18.66
C ARG E 9 -7.76 18.37 17.15
N PRO E 10 -7.55 17.14 16.52
CA PRO E 10 -7.31 17.27 15.06
C PRO E 10 -8.54 17.69 14.22
N HIS E 11 -8.26 18.33 13.09
CA HIS E 11 -9.27 18.82 12.16
C HIS E 11 -9.96 17.64 11.50
N THR E 12 -11.23 17.81 11.17
CA THR E 12 -12.04 16.67 10.71
C THR E 12 -11.46 16.04 9.46
N ASP E 13 -11.09 16.88 8.50
CA ASP E 13 -10.44 16.42 7.28
C ASP E 13 -9.21 15.58 7.61
N VAL E 14 -8.41 16.07 8.56
CA VAL E 14 -7.23 15.33 8.99
C VAL E 14 -7.61 13.94 9.53
N GLU E 15 -8.68 13.87 10.31
CA GLU E 15 -9.11 12.56 10.83
C GLU E 15 -9.87 11.71 9.81
N LYS E 16 -10.72 12.34 9.01
CA LYS E 16 -11.55 11.60 8.04
C LYS E 16 -10.75 10.80 7.03
N ILE E 17 -9.67 11.38 6.52
CA ILE E 17 -8.85 10.72 5.52
C ILE E 17 -8.24 9.43 6.08
N LEU E 18 -8.09 9.36 7.40
CA LEU E 18 -7.68 8.11 8.04
C LEU E 18 -8.88 7.19 8.18
N GLY E 19 -10.08 7.70 7.89
CA GLY E 19 -11.30 6.95 8.07
C GLY E 19 -11.86 7.19 9.45
N GLY E 20 -13.17 7.05 9.60
CA GLY E 20 -13.82 7.22 10.89
C GLY E 20 -14.31 8.64 11.09
N SER E 21 -14.88 9.18 10.02
CA SER E 21 -15.07 10.59 9.98
C SER E 21 -15.80 10.88 11.27
N GLY E 22 -15.13 11.72 12.06
CA GLY E 22 -15.64 12.19 13.33
C GLY E 22 -14.86 13.40 13.77
N GLY E 23 -15.38 14.15 14.71
CA GLY E 23 -14.59 15.12 15.43
C GLY E 23 -14.06 14.53 16.72
N SER E 24 -13.10 13.64 16.65
CA SER E 24 -12.67 12.99 17.87
C SER E 24 -11.89 13.96 18.72
N GLU E 25 -12.07 13.82 20.01
CA GLU E 25 -11.36 14.64 20.94
C GLU E 25 -9.86 14.38 20.86
N ALA E 26 -9.45 13.19 20.43
CA ALA E 26 -8.05 12.87 20.26
C ALA E 26 -7.84 11.63 19.38
N LEU E 27 -6.66 11.53 18.83
CA LEU E 27 -6.23 10.34 18.12
C LEU E 27 -4.99 9.83 18.85
N GLY E 28 -4.88 8.51 19.00
CA GLY E 28 -3.65 7.97 19.54
C GLY E 28 -2.96 7.09 18.53
N MET E 29 -1.63 7.21 18.43
CA MET E 29 -0.88 6.38 17.50
C MET E 29 0.28 5.68 18.13
N VAL E 30 0.29 4.37 17.91
CA VAL E 30 1.35 3.48 18.36
C VAL E 30 2.03 2.91 17.11
N GLU E 31 3.29 3.24 16.87
CA GLU E 31 3.95 2.69 15.70
C GLU E 31 4.60 1.37 16.01
N THR E 32 4.20 0.32 15.31
CA THR E 32 4.73 -1.01 15.63
C THR E 32 5.50 -1.68 14.49
N LYS E 33 6.27 -2.70 14.85
CA LYS E 33 7.02 -3.46 13.87
C LYS E 33 6.39 -4.82 13.66
N GLY E 34 5.81 -5.01 12.48
CA GLY E 34 5.20 -6.28 12.14
C GLY E 34 3.78 -6.32 12.65
N LEU E 35 3.02 -7.28 12.12
CA LEU E 35 1.61 -7.33 12.36
C LEU E 35 1.30 -7.94 13.74
N THR E 36 2.23 -8.70 14.31
CA THR E 36 1.99 -9.31 15.61
C THR E 36 1.98 -8.25 16.71
N ALA E 37 2.96 -7.36 16.66
CA ALA E 37 3.02 -6.29 17.59
C ALA E 37 1.82 -5.37 17.38
N ALA E 38 1.39 -5.26 16.12
CA ALA E 38 0.29 -4.35 15.80
C ALA E 38 -1.03 -4.81 16.44
N ILE E 39 -1.31 -6.10 16.30
CA ILE E 39 -2.55 -6.66 16.77
C ILE E 39 -2.59 -6.77 18.29
N GLU E 40 -1.51 -7.24 18.88
CA GLU E 40 -1.38 -7.26 20.33
C GLU E 40 -1.54 -5.85 20.91
N ALA E 41 -0.96 -4.85 20.25
CA ALA E 41 -1.13 -3.46 20.65
C ALA E 41 -2.61 -3.02 20.58
N ALA E 42 -3.25 -3.27 19.44
CA ALA E 42 -4.64 -2.91 19.25
C ALA E 42 -5.51 -3.60 20.29
N ASP E 43 -5.23 -4.86 20.55
CA ASP E 43 -6.04 -5.60 21.48
C ASP E 43 -5.87 -5.01 22.86
N ALA E 44 -4.64 -4.70 23.21
CA ALA E 44 -4.34 -4.12 24.52
C ALA E 44 -5.03 -2.77 24.65
N MET E 45 -5.10 -2.07 23.52
CA MET E 45 -5.67 -0.72 23.46
C MET E 45 -7.16 -0.73 23.73
N VAL E 46 -7.92 -1.59 23.04
CA VAL E 46 -9.36 -1.59 23.26
C VAL E 46 -9.71 -2.24 24.61
N ALA E 47 -8.77 -2.99 25.18
CA ALA E 47 -9.00 -3.63 26.47
C ALA E 47 -8.82 -2.63 27.57
N SER E 48 -7.93 -1.66 27.35
CA SER E 48 -7.58 -0.79 28.45
C SER E 48 -8.47 0.44 28.64
N ALA E 49 -9.19 0.87 27.62
CA ALA E 49 -9.90 2.15 27.73
C ALA E 49 -11.03 2.23 26.72
N ASN E 50 -11.91 3.21 26.89
CA ASN E 50 -12.98 3.44 25.93
C ASN E 50 -12.49 4.20 24.68
N VAL E 51 -11.82 3.45 23.79
CA VAL E 51 -11.34 3.96 22.51
C VAL E 51 -11.88 3.11 21.33
N MET E 52 -11.93 3.69 20.13
CA MET E 52 -12.33 2.94 18.93
C MET E 52 -11.13 2.79 18.02
N LEU E 53 -10.95 1.57 17.51
CA LEU E 53 -9.94 1.29 16.52
C LEU E 53 -10.29 1.99 15.22
N VAL E 54 -9.33 2.70 14.67
CA VAL E 54 -9.52 3.39 13.41
C VAL E 54 -8.86 2.61 12.27
N GLY E 55 -7.67 2.07 12.54
CA GLY E 55 -7.04 1.20 11.57
C GLY E 55 -5.59 0.89 11.82
N TYR E 56 -5.03 0.04 10.95
CA TYR E 56 -3.61 -0.22 11.01
C TYR E 56 -3.06 0.39 9.76
N GLU E 57 -2.11 1.29 9.87
CA GLU E 57 -1.54 1.89 8.67
C GLU E 57 -0.19 1.26 8.40
N LYS E 58 -0.13 0.60 7.25
CA LYS E 58 1.07 -0.04 6.77
C LYS E 58 1.87 0.93 5.96
N ILE E 59 2.89 1.53 6.56
CA ILE E 59 3.64 2.59 5.92
C ILE E 59 4.95 2.08 5.33
N GLY E 60 5.07 0.77 5.21
CA GLY E 60 6.23 0.18 4.56
C GLY E 60 7.29 -0.27 5.55
N SER E 61 8.25 -1.04 5.06
CA SER E 61 9.37 -1.49 5.88
C SER E 61 8.94 -2.25 7.15
N GLY E 62 7.81 -2.94 7.07
CA GLY E 62 7.31 -3.73 8.18
C GLY E 62 6.64 -2.91 9.26
N LEU E 63 6.57 -1.59 9.08
CA LEU E 63 6.03 -0.70 10.11
C LEU E 63 4.51 -0.63 10.01
N VAL E 64 3.83 -0.89 11.12
CA VAL E 64 2.39 -0.75 11.15
C VAL E 64 2.00 0.19 12.28
N THR E 65 1.34 1.28 11.92
CA THR E 65 1.00 2.26 12.93
C THR E 65 -0.48 2.13 13.26
N VAL E 66 -0.75 1.76 14.51
CA VAL E 66 -2.11 1.54 14.97
C VAL E 66 -2.73 2.86 15.47
N ILE E 67 -3.97 3.09 15.06
CA ILE E 67 -4.65 4.33 15.35
C ILE E 67 -5.94 4.08 16.12
N VAL E 68 -6.13 4.83 17.19
CA VAL E 68 -7.41 4.84 17.90
C VAL E 68 -7.95 6.26 18.02
N ARG E 69 -9.25 6.36 18.26
CA ARG E 69 -9.89 7.63 18.49
C ARG E 69 -10.75 7.53 19.78
N GLY E 70 -10.99 8.66 20.43
CA GLY E 70 -11.83 8.66 21.62
C GLY E 70 -11.61 9.91 22.42
N ASP E 71 -12.18 9.96 23.62
CA ASP E 71 -11.95 11.11 24.48
C ASP E 71 -10.50 11.13 24.95
N VAL E 72 -10.01 12.30 25.36
CA VAL E 72 -8.60 12.45 25.66
C VAL E 72 -8.01 11.47 26.65
N GLY E 73 -8.59 11.39 27.83
CA GLY E 73 -8.08 10.52 28.88
C GLY E 73 -7.98 9.06 28.44
N ALA E 74 -8.98 8.58 27.72
CA ALA E 74 -8.99 7.20 27.26
C ALA E 74 -7.88 7.00 26.24
N VAL E 75 -7.73 7.96 25.35
CA VAL E 75 -6.71 7.83 24.31
C VAL E 75 -5.31 7.84 24.93
N LYS E 76 -5.08 8.70 25.92
CA LYS E 76 -3.79 8.71 26.63
C LYS E 76 -3.51 7.34 27.25
N ALA E 77 -4.50 6.81 27.95
CA ALA E 77 -4.30 5.54 28.61
C ALA E 77 -4.09 4.43 27.58
N ALA E 78 -4.91 4.41 26.53
CA ALA E 78 -4.85 3.35 25.52
C ALA E 78 -3.51 3.32 24.79
N THR E 79 -3.00 4.48 24.41
CA THR E 79 -1.76 4.49 23.65
C THR E 79 -0.60 3.95 24.49
N ASP E 80 -0.58 4.28 25.78
CA ASP E 80 0.41 3.68 26.66
C ASP E 80 0.24 2.16 26.72
N ALA E 81 -0.98 1.67 26.86
CA ALA E 81 -1.18 0.22 26.88
C ALA E 81 -0.76 -0.42 25.57
N GLY E 82 -1.15 0.20 24.46
CA GLY E 82 -0.78 -0.35 23.17
C GLY E 82 0.72 -0.47 22.97
N ALA E 83 1.47 0.59 23.27
CA ALA E 83 2.93 0.57 23.16
C ALA E 83 3.58 -0.48 24.05
N ALA E 84 3.10 -0.62 25.29
CA ALA E 84 3.69 -1.62 26.22
C ALA E 84 3.48 -3.02 25.67
N ALA E 85 2.28 -3.28 25.17
CA ALA E 85 1.98 -4.56 24.56
C ALA E 85 2.90 -4.85 23.36
N ALA E 86 3.26 -3.82 22.60
CA ALA E 86 4.13 -4.01 21.43
C ALA E 86 5.53 -4.44 21.87
N ARG E 87 6.04 -3.89 22.96
CA ARG E 87 7.33 -4.30 23.49
C ARG E 87 7.34 -5.78 23.81
N ASN E 88 6.21 -6.24 24.34
CA ASN E 88 6.14 -7.59 24.87
C ASN E 88 5.97 -8.68 23.81
N VAL E 89 6.22 -8.38 22.54
CA VAL E 89 6.16 -9.45 21.55
C VAL E 89 7.45 -9.55 20.72
S SO4 F . 9.11 -0.63 1.60
O1 SO4 F . 8.38 -1.81 2.05
O2 SO4 F . 8.82 -0.46 0.19
O3 SO4 F . 8.65 0.54 2.31
O4 SO4 F . 10.54 -0.78 1.83
#